data_6QBA
#
_entry.id   6QBA
#
_cell.length_a   44.456
_cell.length_b   77.614
_cell.length_c   80.509
_cell.angle_alpha   90.000
_cell.angle_beta   90.000
_cell.angle_gamma   90.000
#
_symmetry.space_group_name_H-M   'P 21 21 21'
#
loop_
_entity.id
_entity.type
_entity.pdbx_description
1 polymer 'Retinol-binding protein 4'
2 polymer 'DNA-binding protein 7a'
3 non-polymer '2-[({4-[2-(trifluoromethyl)phenyl]piperidin-1-yl}carbonyl)amino]benzoic acid'
4 non-polymer IMIDAZOLE
5 non-polymer DI(HYDROXYETHYL)ETHER
6 non-polymer 'ZINC ION'
7 non-polymer 'ACETATE ION'
8 water water
#
loop_
_entity_poly.entity_id
_entity_poly.type
_entity_poly.pdbx_seq_one_letter_code
_entity_poly.pdbx_strand_id
1 'polypeptide(L)'
;GPERDCRVSSFRVKENFDKARFSGTWYAMAKKDPEGLFLQDNIVAEFSVDETGQMSATAKGRVRLLNNWDVCADMVGTFT
DTEDPAKFKMKYWGVASFLQKGNDDHWIVDTDYDTYAVQYSCRLLNLDGTCADSYSFVFSRDPNGLPPEAQKIVRQRQEE
LCLARQYRLIVHNGYCDGRSERNLL
;
A
2 'polypeptide(L)' ATVKLTYQGEEKQVDISKIKRVARYGQNIYFSYDEGGGAYDYGAVSEKDAPKELLQMLEKQ B
#
# COMPACT_ATOMS: atom_id res chain seq x y z
N GLU A 3 -19.34 -5.66 17.59
CA GLU A 3 -18.36 -6.76 17.41
C GLU A 3 -18.99 -8.07 16.89
N ARG A 4 -20.23 -8.38 17.27
CA ARG A 4 -20.84 -9.64 16.84
C ARG A 4 -21.57 -9.53 15.51
N ASP A 5 -22.17 -8.38 15.19
CA ASP A 5 -22.61 -8.09 13.82
C ASP A 5 -21.36 -7.74 13.02
N CYS A 6 -21.03 -8.57 12.03
CA CYS A 6 -19.80 -8.40 11.26
C CYS A 6 -20.08 -7.92 9.84
N ARG A 7 -21.28 -7.41 9.60
CA ARG A 7 -21.63 -6.90 8.28
C ARG A 7 -20.99 -5.54 8.10
N VAL A 8 -20.31 -5.37 6.97
CA VAL A 8 -19.57 -4.14 6.72
C VAL A 8 -20.48 -2.93 6.84
N SER A 9 -21.76 -3.11 6.49
CA SER A 9 -22.77 -2.06 6.62
C SER A 9 -22.94 -1.55 8.03
N SER A 10 -22.61 -2.36 9.04
CA SER A 10 -22.90 -2.00 10.43
C SER A 10 -21.69 -1.38 11.14
N PHE A 11 -20.60 -1.11 10.43
CA PHE A 11 -19.40 -0.61 11.07
C PHE A 11 -19.45 0.91 11.22
N ARG A 12 -19.24 1.41 12.44
CA ARG A 12 -19.10 2.85 12.66
C ARG A 12 -17.76 3.35 12.15
N VAL A 13 -17.77 4.53 11.54
CA VAL A 13 -16.56 5.19 11.05
C VAL A 13 -16.41 6.51 11.78
N LYS A 14 -15.38 7.28 11.45
CA LYS A 14 -15.07 8.49 12.21
C LYS A 14 -16.13 9.55 12.03
N GLU A 15 -16.66 10.06 13.15
CA GLU A 15 -17.67 11.11 13.11
C GLU A 15 -17.07 12.42 12.63
N ASN A 16 -17.78 13.09 11.72
CA ASN A 16 -17.38 14.39 11.18
C ASN A 16 -15.89 14.43 10.83
N PHE A 17 -15.43 13.39 10.13
CA PHE A 17 -14.04 13.32 9.68
C PHE A 17 -13.61 14.60 8.99
N ASP A 18 -12.41 15.09 9.36
CA ASP A 18 -11.88 16.40 8.96
C ASP A 18 -10.61 16.17 8.13
N LYS A 19 -10.74 16.26 6.80
CA LYS A 19 -9.60 16.01 5.90
C LYS A 19 -8.37 16.82 6.28
N ALA A 20 -8.56 18.07 6.69
CA ALA A 20 -7.44 18.96 6.92
C ALA A 20 -6.65 18.56 8.16
N ARG A 21 -7.35 18.17 9.22
CA ARG A 21 -6.67 17.73 10.44
C ARG A 21 -5.99 16.39 10.25
N PHE A 22 -6.44 15.60 9.26
CA PHE A 22 -5.85 14.30 8.99
C PHE A 22 -4.59 14.38 8.14
N SER A 23 -4.30 15.54 7.57
CA SER A 23 -3.22 15.64 6.60
C SER A 23 -1.86 15.45 7.29
N GLY A 24 -0.84 15.22 6.49
CA GLY A 24 0.49 14.97 7.00
C GLY A 24 0.87 13.51 6.98
N THR A 25 1.89 13.19 7.78
CA THR A 25 2.54 11.90 7.73
C THR A 25 1.95 10.94 8.74
N TRP A 26 1.62 9.75 8.26
CA TRP A 26 1.12 8.64 9.06
C TRP A 26 1.99 7.41 8.82
N TYR A 27 2.52 6.84 9.89
CA TYR A 27 3.31 5.61 9.86
C TYR A 27 2.43 4.40 10.17
N ALA A 28 2.49 3.38 9.31
CA ALA A 28 1.73 2.16 9.58
C ALA A 28 2.49 1.33 10.61
N MET A 29 1.84 1.08 11.74
CA MET A 29 2.42 0.31 12.84
C MET A 29 2.00 -1.14 12.82
N ALA A 30 0.87 -1.43 12.18
CA ALA A 30 0.35 -2.79 12.14
C ALA A 30 -0.55 -2.86 10.92
N LYS A 31 -0.73 -4.06 10.42
CA LYS A 31 -1.54 -4.22 9.22
C LYS A 31 -2.26 -5.55 9.28
N LYS A 32 -3.37 -5.60 8.57
CA LYS A 32 -4.10 -6.84 8.32
C LYS A 32 -4.14 -6.98 6.80
N ASP A 33 -3.51 -8.03 6.29
CA ASP A 33 -3.32 -8.20 4.86
C ASP A 33 -4.62 -8.58 4.15
N PRO A 34 -4.80 -8.14 2.91
CA PRO A 34 -5.81 -8.73 2.03
C PRO A 34 -5.23 -9.96 1.37
N GLU A 35 -6.03 -10.60 0.51
CA GLU A 35 -5.47 -11.65 -0.32
C GLU A 35 -4.53 -11.04 -1.37
N GLY A 36 -3.51 -11.79 -1.77
CA GLY A 36 -2.64 -11.33 -2.85
C GLY A 36 -1.49 -10.47 -2.40
N LEU A 37 -1.04 -9.56 -3.28
CA LEU A 37 0.19 -8.80 -3.05
C LEU A 37 -0.10 -7.50 -2.31
N PHE A 38 0.91 -7.01 -1.60
CA PHE A 38 0.68 -5.90 -0.68
C PHE A 38 2.01 -5.37 -0.20
N LEU A 39 2.03 -4.10 0.20
CA LEU A 39 3.19 -3.55 0.87
C LEU A 39 3.50 -4.39 2.12
N GLN A 40 4.80 -4.49 2.43
CA GLN A 40 5.27 -5.39 3.48
C GLN A 40 5.51 -4.65 4.80
N ASP A 41 6.35 -3.63 4.81
CA ASP A 41 6.61 -2.84 6.01
C ASP A 41 7.29 -1.54 5.58
N ASN A 42 7.76 -0.75 6.55
CA ASN A 42 8.28 0.58 6.25
C ASN A 42 7.23 1.41 5.51
N ILE A 43 5.97 1.19 5.85
CA ILE A 43 4.84 1.79 5.16
C ILE A 43 4.58 3.18 5.74
N VAL A 44 4.67 4.20 4.89
CA VAL A 44 4.46 5.58 5.28
C VAL A 44 3.47 6.20 4.30
N ALA A 45 2.44 6.86 4.82
CA ALA A 45 1.44 7.52 4.01
C ALA A 45 1.47 9.00 4.33
N GLU A 46 1.39 9.83 3.29
CA GLU A 46 1.31 11.27 3.44
C GLU A 46 0.00 11.73 2.85
N PHE A 47 -0.87 12.31 3.67
CA PHE A 47 -2.18 12.78 3.25
C PHE A 47 -2.17 14.28 3.01
N SER A 48 -2.91 14.74 2.00
CA SER A 48 -2.94 16.13 1.59
C SER A 48 -4.34 16.52 1.13
N VAL A 49 -4.63 17.81 1.26
CA VAL A 49 -5.89 18.42 0.84
C VAL A 49 -5.54 19.62 -0.03
N ASP A 50 -6.07 19.65 -1.25
CA ASP A 50 -5.74 20.75 -2.16
C ASP A 50 -6.72 21.91 -1.96
N GLU A 51 -6.59 22.94 -2.80
CA GLU A 51 -7.45 24.11 -2.72
C GLU A 51 -8.93 23.75 -2.88
N THR A 52 -9.22 22.72 -3.67
CA THR A 52 -10.58 22.30 -3.93
C THR A 52 -11.21 21.59 -2.74
N GLY A 53 -10.40 21.12 -1.78
CA GLY A 53 -10.87 20.21 -0.76
C GLY A 53 -10.72 18.75 -1.11
N GLN A 54 -10.25 18.43 -2.32
CA GLN A 54 -10.02 17.05 -2.67
C GLN A 54 -8.81 16.50 -1.94
N MET A 55 -8.97 15.33 -1.33
CA MET A 55 -7.89 14.69 -0.59
C MET A 55 -7.08 13.78 -1.49
N SER A 56 -5.78 13.69 -1.17
CA SER A 56 -4.81 12.91 -1.91
C SER A 56 -3.89 12.26 -0.89
N ALA A 57 -3.17 11.23 -1.32
CA ALA A 57 -2.16 10.64 -0.46
C ALA A 57 -1.12 9.93 -1.30
N THR A 58 0.09 9.87 -0.74
CA THR A 58 1.13 8.98 -1.24
C THR A 58 1.31 7.86 -0.22
N ALA A 59 1.69 6.69 -0.73
CA ALA A 59 2.02 5.56 0.11
C ALA A 59 3.32 4.94 -0.39
N LYS A 60 4.22 4.70 0.53
CA LYS A 60 5.54 4.15 0.24
C LYS A 60 5.73 2.96 1.16
N GLY A 61 6.41 1.93 0.67
CA GLY A 61 6.79 0.83 1.54
C GLY A 61 7.65 -0.17 0.82
N ARG A 62 8.11 -1.17 1.58
CA ARG A 62 8.89 -2.25 1.01
C ARG A 62 8.00 -3.27 0.31
N VAL A 63 8.47 -3.72 -0.86
CA VAL A 63 7.81 -4.75 -1.65
C VAL A 63 8.78 -5.91 -1.80
N ARG A 64 8.29 -7.13 -1.61
CA ARG A 64 9.14 -8.32 -1.71
C ARG A 64 8.88 -8.96 -3.07
N LEU A 65 9.80 -8.74 -4.01
CA LEU A 65 9.69 -9.32 -5.33
C LEU A 65 10.10 -10.79 -5.33
N LEU A 66 11.15 -11.14 -4.58
CA LEU A 66 11.62 -12.50 -4.39
C LEU A 66 12.14 -12.57 -2.96
N ASN A 67 12.35 -13.79 -2.44
CA ASN A 67 12.88 -13.94 -1.09
C ASN A 67 14.18 -13.17 -0.90
N ASN A 68 14.99 -13.08 -1.98
CA ASN A 68 16.28 -12.40 -1.94
C ASN A 68 16.27 -11.05 -2.64
N TRP A 69 15.10 -10.47 -2.90
CA TRP A 69 15.00 -9.21 -3.64
C TRP A 69 13.88 -8.35 -3.07
N ASP A 70 14.25 -7.43 -2.20
CA ASP A 70 13.33 -6.47 -1.61
C ASP A 70 13.55 -5.11 -2.27
N VAL A 71 12.48 -4.43 -2.66
CA VAL A 71 12.58 -3.08 -3.21
C VAL A 71 11.62 -2.16 -2.46
N CYS A 72 11.68 -0.90 -2.81
CA CYS A 72 10.70 0.06 -2.34
C CYS A 72 9.82 0.50 -3.50
N ALA A 73 8.57 0.80 -3.17
CA ALA A 73 7.54 1.15 -4.14
C ALA A 73 6.79 2.37 -3.63
N ASP A 74 6.46 3.29 -4.54
CA ASP A 74 5.66 4.45 -4.22
C ASP A 74 4.37 4.37 -5.00
N MET A 75 3.27 4.75 -4.34
CA MET A 75 1.97 4.83 -4.96
C MET A 75 1.34 6.16 -4.60
N VAL A 76 0.45 6.64 -5.46
CA VAL A 76 -0.31 7.85 -5.24
C VAL A 76 -1.79 7.47 -5.28
N GLY A 77 -2.59 8.10 -4.45
CA GLY A 77 -4.02 7.83 -4.41
C GLY A 77 -4.83 9.10 -4.41
N THR A 78 -5.97 9.06 -5.09
CA THR A 78 -6.89 10.18 -5.16
C THR A 78 -8.24 9.71 -4.64
N PHE A 79 -8.82 10.51 -3.75
CA PHE A 79 -9.99 10.11 -2.99
C PHE A 79 -11.23 10.83 -3.49
N THR A 80 -12.26 10.07 -3.82
CA THR A 80 -13.55 10.61 -4.20
C THR A 80 -14.47 10.56 -2.98
N ASP A 81 -15.07 11.69 -2.65
CA ASP A 81 -15.91 11.79 -1.47
C ASP A 81 -17.19 10.98 -1.61
N THR A 82 -17.68 10.49 -0.47
CA THR A 82 -18.96 9.81 -0.35
C THR A 82 -19.89 10.68 0.50
N GLU A 83 -21.17 10.30 0.51
CA GLU A 83 -22.12 10.88 1.44
C GLU A 83 -21.61 10.85 2.88
N ASP A 84 -20.76 9.87 3.21
CA ASP A 84 -20.18 9.75 4.54
C ASP A 84 -18.82 10.43 4.56
N PRO A 85 -18.58 11.42 5.43
CA PRO A 85 -17.28 12.12 5.38
C PRO A 85 -16.08 11.23 5.63
N ALA A 86 -16.26 10.03 6.18
CA ALA A 86 -15.15 9.14 6.48
C ALA A 86 -15.00 7.99 5.48
N LYS A 87 -15.89 7.87 4.51
CA LYS A 87 -15.84 6.80 3.52
C LYS A 87 -15.48 7.41 2.18
N PHE A 88 -14.39 6.93 1.58
CA PHE A 88 -13.96 7.41 0.28
C PHE A 88 -13.80 6.24 -0.67
N LYS A 89 -13.81 6.54 -1.96
CA LYS A 89 -13.33 5.61 -2.99
C LYS A 89 -11.97 6.09 -3.45
N MET A 90 -10.96 5.24 -3.36
CA MET A 90 -9.58 5.63 -3.61
C MET A 90 -9.09 4.98 -4.90
N LYS A 91 -8.80 5.80 -5.91
CA LYS A 91 -8.08 5.33 -7.08
C LYS A 91 -6.59 5.53 -6.82
N TYR A 92 -5.78 4.51 -7.08
CA TYR A 92 -4.36 4.57 -6.74
C TYR A 92 -3.53 3.91 -7.84
N TRP A 93 -2.27 4.31 -7.92
CA TRP A 93 -1.38 3.74 -8.92
C TRP A 93 0.07 3.94 -8.50
N GLY A 94 0.92 3.02 -8.95
CA GLY A 94 2.32 3.15 -8.68
C GLY A 94 2.97 4.21 -9.54
N VAL A 95 4.05 4.79 -9.04
CA VAL A 95 4.81 5.76 -9.79
C VAL A 95 6.23 5.24 -9.99
N ALA A 96 6.98 5.96 -10.82
CA ALA A 96 8.30 5.55 -11.28
C ALA A 96 8.10 4.19 -11.95
N SER A 97 8.77 3.13 -11.50
CA SER A 97 8.66 1.84 -12.18
C SER A 97 7.81 0.85 -11.39
N PHE A 98 7.04 1.30 -10.39
CA PHE A 98 6.07 0.44 -9.74
C PHE A 98 4.79 0.48 -10.56
N LEU A 99 4.33 -0.68 -11.03
CA LEU A 99 3.24 -0.71 -12.00
C LEU A 99 1.94 -1.24 -11.41
N GLN A 100 1.85 -1.43 -10.12
CA GLN A 100 0.59 -1.87 -9.54
C GLN A 100 -0.38 -0.70 -9.42
N LYS A 101 -1.67 -1.00 -9.58
CA LYS A 101 -2.71 0.03 -9.53
C LYS A 101 -4.04 -0.63 -9.14
N GLY A 102 -5.03 0.20 -8.81
CA GLY A 102 -6.32 -0.33 -8.42
C GLY A 102 -7.27 0.75 -7.93
N ASN A 103 -8.39 0.29 -7.36
CA ASN A 103 -9.45 1.16 -6.87
C ASN A 103 -10.13 0.48 -5.70
N ASP A 104 -9.98 1.05 -4.51
CA ASP A 104 -10.45 0.45 -3.27
C ASP A 104 -11.33 1.43 -2.50
N ASP A 105 -12.30 0.89 -1.77
CA ASP A 105 -12.93 1.65 -0.71
C ASP A 105 -11.87 2.00 0.34
N HIS A 106 -12.03 3.16 0.95
CA HIS A 106 -11.06 3.65 1.93
C HIS A 106 -11.82 4.33 3.06
N TRP A 107 -11.87 3.68 4.21
CA TRP A 107 -12.65 4.13 5.34
C TRP A 107 -11.71 4.54 6.47
N ILE A 108 -11.96 5.71 7.04
CA ILE A 108 -11.28 6.13 8.26
C ILE A 108 -12.19 5.71 9.41
N VAL A 109 -11.87 4.57 10.03
CA VAL A 109 -12.74 3.99 11.04
C VAL A 109 -12.72 4.81 12.32
N ASP A 110 -11.55 5.34 12.68
CA ASP A 110 -11.42 6.24 13.82
C ASP A 110 -10.06 6.90 13.76
N THR A 111 -9.97 8.08 14.38
CA THR A 111 -8.69 8.78 14.51
C THR A 111 -8.89 9.89 15.53
N ASP A 112 -7.81 10.26 16.20
CA ASP A 112 -7.76 11.50 16.96
C ASP A 112 -6.87 12.54 16.28
N TYR A 113 -6.44 12.25 15.05
CA TYR A 113 -5.67 13.15 14.20
C TYR A 113 -4.25 13.45 14.70
N ASP A 114 -4.03 13.39 16.02
CA ASP A 114 -2.71 13.69 16.58
C ASP A 114 -1.91 12.46 16.97
N THR A 115 -2.54 11.32 17.19
CA THR A 115 -1.84 10.15 17.69
C THR A 115 -2.01 8.92 16.82
N TYR A 116 -3.24 8.55 16.47
CA TYR A 116 -3.53 7.27 15.83
C TYR A 116 -4.65 7.42 14.79
N ALA A 117 -4.74 6.43 13.92
CA ALA A 117 -5.87 6.27 13.01
C ALA A 117 -6.02 4.80 12.70
N VAL A 118 -7.25 4.38 12.45
CA VAL A 118 -7.54 3.03 12.00
C VAL A 118 -8.23 3.14 10.65
N GLN A 119 -7.65 2.52 9.64
CA GLN A 119 -8.15 2.53 8.29
C GLN A 119 -8.68 1.14 7.94
N TYR A 120 -9.57 1.09 6.95
CA TYR A 120 -10.20 -0.18 6.61
C TYR A 120 -10.71 -0.13 5.18
N SER A 121 -10.55 -1.25 4.47
CA SER A 121 -11.02 -1.37 3.10
C SER A 121 -11.54 -2.78 2.89
N CYS A 122 -12.84 -2.92 2.62
CA CYS A 122 -13.39 -4.21 2.19
C CYS A 122 -13.39 -4.24 0.67
N ARG A 123 -12.64 -5.19 0.09
CA ARG A 123 -12.58 -5.34 -1.36
C ARG A 123 -13.66 -6.27 -1.92
N LEU A 124 -14.10 -7.26 -1.16
CA LEU A 124 -15.09 -8.23 -1.65
C LEU A 124 -16.03 -8.62 -0.52
N LEU A 125 -17.32 -8.50 -0.74
CA LEU A 125 -18.30 -8.83 0.28
C LEU A 125 -18.95 -10.16 0.03
N ASN A 126 -19.17 -10.93 1.10
CA ASN A 126 -19.96 -12.13 1.04
C ASN A 126 -21.42 -11.75 0.85
N LEU A 127 -22.22 -12.72 0.39
CA LEU A 127 -23.63 -12.46 0.16
C LEU A 127 -24.31 -11.98 1.43
N ASP A 128 -23.91 -12.52 2.58
CA ASP A 128 -24.52 -12.14 3.85
C ASP A 128 -24.04 -10.79 4.37
N GLY A 129 -23.21 -10.06 3.60
CA GLY A 129 -22.82 -8.72 3.96
C GLY A 129 -21.55 -8.60 4.76
N THR A 130 -21.00 -9.70 5.26
CA THR A 130 -19.68 -9.69 5.87
C THR A 130 -18.62 -9.60 4.78
N CYS A 131 -17.39 -9.28 5.19
CA CYS A 131 -16.31 -9.04 4.25
C CYS A 131 -15.54 -10.33 4.00
N ALA A 132 -15.31 -10.64 2.73
CA ALA A 132 -14.54 -11.80 2.32
C ALA A 132 -13.08 -11.48 2.04
N ASP A 133 -12.76 -10.20 1.82
CA ASP A 133 -11.38 -9.79 1.54
C ASP A 133 -11.23 -8.32 1.95
N SER A 134 -10.43 -8.08 2.98
CA SER A 134 -10.25 -6.74 3.52
C SER A 134 -8.77 -6.50 3.77
N TYR A 135 -8.41 -5.24 3.93
CA TYR A 135 -7.11 -4.90 4.53
C TYR A 135 -7.33 -3.74 5.49
N SER A 136 -6.42 -3.61 6.45
CA SER A 136 -6.58 -2.57 7.46
C SER A 136 -5.21 -2.19 7.99
N PHE A 137 -5.00 -0.88 8.17
CA PHE A 137 -3.79 -0.35 8.77
C PHE A 137 -4.11 0.32 10.11
N VAL A 138 -3.19 0.18 11.05
CA VAL A 138 -3.11 1.05 12.21
C VAL A 138 -2.01 2.06 11.91
N PHE A 139 -2.38 3.33 11.83
CA PHE A 139 -1.43 4.40 11.58
C PHE A 139 -1.11 5.10 12.89
N SER A 140 0.12 5.61 12.97
CA SER A 140 0.54 6.44 14.08
C SER A 140 1.32 7.64 13.57
N ARG A 141 1.16 8.77 14.25
CA ARG A 141 2.02 9.93 14.00
C ARG A 141 3.47 9.62 14.37
N ASP A 142 3.70 8.66 15.28
CA ASP A 142 5.01 8.26 15.77
C ASP A 142 5.44 7.00 15.03
N PRO A 143 6.61 6.97 14.37
CA PRO A 143 6.97 5.77 13.59
C PRO A 143 7.15 4.52 14.41
N ASN A 144 7.40 4.62 15.72
CA ASN A 144 7.83 3.48 16.50
C ASN A 144 6.78 2.92 17.46
N GLY A 145 5.70 3.65 17.73
CA GLY A 145 4.77 3.15 18.73
C GLY A 145 3.59 4.07 18.94
N LEU A 146 2.65 3.56 19.72
CA LEU A 146 1.49 4.31 20.15
C LEU A 146 1.47 4.39 21.67
N PRO A 147 0.99 5.50 22.23
CA PRO A 147 0.80 5.54 23.68
C PRO A 147 -0.28 4.55 24.08
N PRO A 148 -0.24 4.05 25.32
CA PRO A 148 -1.20 3.00 25.72
C PRO A 148 -2.66 3.42 25.58
N GLU A 149 -2.98 4.70 25.77
CA GLU A 149 -4.35 5.16 25.56
C GLU A 149 -4.80 4.85 24.14
N ALA A 150 -3.98 5.23 23.18
CA ALA A 150 -4.28 4.94 21.79
C ALA A 150 -4.39 3.45 21.56
N GLN A 151 -3.48 2.68 22.15
CA GLN A 151 -3.47 1.23 21.91
C GLN A 151 -4.80 0.61 22.33
N LYS A 152 -5.33 1.03 23.48
CA LYS A 152 -6.61 0.50 23.97
C LYS A 152 -7.73 0.79 22.99
N ILE A 153 -7.80 2.02 22.47
CA ILE A 153 -8.82 2.37 21.51
C ILE A 153 -8.66 1.54 20.24
N VAL A 154 -7.42 1.40 19.75
CA VAL A 154 -7.21 0.66 18.51
C VAL A 154 -7.73 -0.76 18.65
N ARG A 155 -7.41 -1.42 19.77
CA ARG A 155 -7.87 -2.79 19.97
C ARG A 155 -9.39 -2.87 19.89
N GLN A 156 -10.08 -1.90 20.50
CA GLN A 156 -11.55 -1.86 20.45
C GLN A 156 -12.02 -1.77 18.99
N ARG A 157 -11.38 -0.93 18.20
CA ARG A 157 -11.82 -0.74 16.81
C ARG A 157 -11.56 -1.99 15.99
N GLN A 158 -10.42 -2.66 16.22
CA GLN A 158 -10.15 -3.91 15.53
C GLN A 158 -11.23 -4.95 15.82
N GLU A 159 -11.66 -5.04 17.08
CA GLU A 159 -12.72 -5.98 17.43
C GLU A 159 -14.03 -5.59 16.72
N GLU A 160 -14.30 -4.29 16.59
CA GLU A 160 -15.52 -3.83 15.95
C GLU A 160 -15.53 -4.20 14.46
N LEU A 161 -14.36 -4.25 13.84
CA LEU A 161 -14.15 -4.64 12.46
C LEU A 161 -14.13 -6.15 12.27
N CYS A 162 -14.28 -6.90 13.35
CA CYS A 162 -14.19 -8.35 13.32
C CYS A 162 -12.82 -8.81 12.80
N LEU A 163 -11.80 -8.03 13.16
CA LEU A 163 -10.41 -8.35 12.81
C LEU A 163 -9.53 -8.49 14.05
N ALA A 164 -10.14 -8.77 15.21
CA ALA A 164 -9.37 -8.92 16.43
C ALA A 164 -8.33 -10.03 16.27
N ARG A 165 -7.09 -9.72 16.60
CA ARG A 165 -5.96 -10.67 16.59
C ARG A 165 -5.51 -11.05 15.18
N GLN A 166 -5.96 -10.33 14.15
CA GLN A 166 -5.56 -10.63 12.78
C GLN A 166 -4.54 -9.65 12.22
N TYR A 167 -4.03 -8.75 13.04
CA TYR A 167 -3.03 -7.81 12.57
C TYR A 167 -1.64 -8.30 12.91
N ARG A 168 -0.67 -7.85 12.12
CA ARG A 168 0.74 -8.06 12.36
C ARG A 168 1.43 -6.71 12.56
N LEU A 169 2.31 -6.64 13.56
CA LEU A 169 3.15 -5.47 13.72
C LEU A 169 4.16 -5.43 12.58
N ILE A 170 4.46 -4.22 12.11
CA ILE A 170 5.38 -4.01 11.00
C ILE A 170 6.34 -2.90 11.35
N VAL A 171 7.60 -3.05 10.93
CA VAL A 171 8.67 -2.17 11.37
C VAL A 171 8.80 -0.91 10.52
N HIS A 172 9.58 0.04 11.04
CA HIS A 172 10.09 1.13 10.25
C HIS A 172 11.57 1.21 10.55
N ASN A 173 12.41 0.77 9.61
CA ASN A 173 13.85 0.66 9.84
C ASN A 173 14.67 1.45 8.84
N GLY A 174 14.04 2.37 8.10
CA GLY A 174 14.76 3.22 7.17
C GLY A 174 15.00 2.65 5.78
N TYR A 175 14.53 1.43 5.49
CA TYR A 175 14.85 0.77 4.23
C TYR A 175 14.48 1.62 3.03
N CYS A 176 13.37 2.37 3.13
CA CYS A 176 12.91 3.18 2.01
C CYS A 176 13.10 4.68 2.19
N ASP A 177 13.52 5.15 3.37
CA ASP A 177 13.73 6.59 3.57
C ASP A 177 15.10 6.89 4.18
N GLY A 178 16.07 6.00 3.99
CA GLY A 178 17.42 6.24 4.47
C GLY A 178 18.15 4.96 4.84
N ALA B 1 19.78 -4.80 -30.21
CA ALA B 1 20.69 -5.24 -29.11
C ALA B 1 20.10 -4.79 -27.78
N THR B 2 20.04 -3.48 -27.56
CA THR B 2 19.31 -2.96 -26.42
C THR B 2 17.84 -2.74 -26.77
N VAL B 3 17.03 -2.54 -25.72
CA VAL B 3 15.58 -2.40 -25.84
C VAL B 3 15.13 -1.17 -25.08
N LYS B 4 14.16 -0.46 -25.64
CA LYS B 4 13.52 0.65 -24.94
C LYS B 4 12.66 0.12 -23.79
N LEU B 5 13.12 0.32 -22.56
CA LEU B 5 12.39 -0.10 -21.36
C LEU B 5 12.48 1.01 -20.31
N THR B 6 11.50 1.04 -19.41
CA THR B 6 11.46 2.04 -18.35
C THR B 6 12.19 1.50 -17.14
N TYR B 7 13.09 2.31 -16.60
CA TYR B 7 13.96 1.93 -15.50
C TYR B 7 13.98 3.09 -14.51
N GLN B 8 13.63 2.80 -13.26
CA GLN B 8 13.46 3.84 -12.24
C GLN B 8 12.60 5.00 -12.77
N GLY B 9 11.57 4.65 -13.53
CA GLY B 9 10.62 5.61 -14.04
C GLY B 9 11.06 6.40 -15.25
N GLU B 10 12.21 6.10 -15.85
CA GLU B 10 12.75 6.86 -16.97
C GLU B 10 12.97 5.93 -18.16
N GLU B 11 12.73 6.44 -19.37
CA GLU B 11 12.97 5.64 -20.56
C GLU B 11 14.48 5.45 -20.73
N LYS B 12 14.92 4.20 -20.73
CA LYS B 12 16.34 3.89 -20.90
C LYS B 12 16.52 2.88 -22.03
N GLN B 13 17.75 2.81 -22.53
CA GLN B 13 18.16 1.76 -23.46
C GLN B 13 18.76 0.63 -22.63
N VAL B 14 18.01 -0.42 -22.45
CA VAL B 14 18.39 -1.49 -21.53
C VAL B 14 18.99 -2.64 -22.32
N ASP B 15 20.21 -3.01 -21.97
CA ASP B 15 20.84 -4.22 -22.47
C ASP B 15 20.35 -5.38 -21.62
N ILE B 16 19.42 -6.17 -22.17
CA ILE B 16 18.85 -7.28 -21.41
C ILE B 16 19.94 -8.27 -20.97
N SER B 17 21.06 -8.33 -21.72
CA SER B 17 22.16 -9.23 -21.38
C SER B 17 22.68 -8.99 -19.96
N LYS B 18 22.62 -7.74 -19.50
CA LYS B 18 23.25 -7.31 -18.26
C LYS B 18 22.29 -7.30 -17.08
N ILE B 19 21.04 -7.72 -17.27
CA ILE B 19 20.11 -7.81 -16.16
C ILE B 19 20.55 -8.94 -15.25
N LYS B 20 20.56 -8.69 -13.94
CA LYS B 20 20.98 -9.69 -12.97
C LYS B 20 19.87 -10.12 -12.02
N ARG B 21 18.75 -9.43 -12.01
CA ARG B 21 17.60 -9.78 -11.18
C ARG B 21 16.37 -9.65 -12.05
N VAL B 22 15.50 -10.64 -12.03
CA VAL B 22 14.23 -10.55 -12.76
C VAL B 22 13.19 -11.35 -12.01
N ALA B 23 11.95 -10.87 -12.02
CA ALA B 23 10.90 -11.52 -11.26
C ALA B 23 9.55 -11.18 -11.85
N ARG B 24 8.66 -12.15 -11.88
CA ARG B 24 7.26 -11.90 -12.17
C ARG B 24 6.57 -11.50 -10.87
N TYR B 25 5.85 -10.38 -10.89
CA TYR B 25 5.18 -9.85 -9.70
C TYR B 25 3.85 -9.29 -10.17
N GLY B 26 2.76 -10.00 -9.87
CA GLY B 26 1.50 -9.63 -10.44
C GLY B 26 1.53 -9.89 -11.92
N GLN B 27 1.05 -8.93 -12.69
CA GLN B 27 1.02 -9.04 -14.14
C GLN B 27 2.23 -8.36 -14.78
N ASN B 28 3.26 -8.10 -14.00
CA ASN B 28 4.41 -7.33 -14.46
C ASN B 28 5.70 -8.09 -14.22
N ILE B 29 6.71 -7.73 -15.00
CA ILE B 29 8.05 -8.27 -14.85
C ILE B 29 8.94 -7.13 -14.41
N TYR B 30 9.60 -7.31 -13.27
CA TYR B 30 10.52 -6.37 -12.67
C TYR B 30 11.95 -6.84 -12.93
N PHE B 31 12.87 -5.90 -13.08
CA PHE B 31 14.24 -6.28 -13.40
C PHE B 31 15.19 -5.21 -12.89
N SER B 32 16.45 -5.62 -12.71
CA SER B 32 17.49 -4.75 -12.22
C SER B 32 18.85 -5.19 -12.76
N TYR B 33 19.69 -4.21 -13.03
CA TYR B 33 21.11 -4.43 -13.25
C TYR B 33 21.85 -4.82 -11.99
N ASP B 34 21.31 -4.45 -10.83
CA ASP B 34 22.06 -4.40 -9.58
C ASP B 34 22.00 -5.73 -8.86
N GLU B 35 23.17 -6.33 -8.63
CA GLU B 35 23.27 -7.52 -7.79
C GLU B 35 23.06 -7.19 -6.31
N GLY B 36 23.30 -5.95 -5.90
CA GLY B 36 23.11 -5.58 -4.51
C GLY B 36 21.68 -5.25 -4.12
N GLY B 37 20.80 -5.08 -5.09
CA GLY B 37 19.39 -4.86 -4.80
C GLY B 37 19.06 -3.55 -4.11
N GLY B 38 19.71 -2.45 -4.51
CA GLY B 38 19.33 -1.12 -4.07
C GLY B 38 17.83 -0.92 -4.10
N ALA B 39 17.28 -0.18 -3.13
CA ALA B 39 15.83 -0.26 -2.87
C ALA B 39 15.00 0.24 -4.05
N TYR B 40 15.48 1.26 -4.76
CA TYR B 40 14.77 1.81 -5.91
C TYR B 40 15.44 1.48 -7.24
N ASP B 41 16.44 0.61 -7.25
CA ASP B 41 17.22 0.31 -8.46
C ASP B 41 16.54 -0.84 -9.20
N TYR B 42 15.52 -0.50 -9.98
CA TYR B 42 14.78 -1.49 -10.76
C TYR B 42 13.93 -0.79 -11.79
N GLY B 43 13.60 -1.53 -12.85
CA GLY B 43 12.63 -1.14 -13.85
C GLY B 43 11.57 -2.23 -13.95
N ALA B 44 10.57 -1.98 -14.81
CA ALA B 44 9.47 -2.92 -14.91
C ALA B 44 8.73 -2.74 -16.23
N VAL B 45 8.14 -3.82 -16.69
CA VAL B 45 7.34 -3.85 -17.92
C VAL B 45 6.19 -4.83 -17.70
N SER B 46 5.05 -4.55 -18.33
CA SER B 46 3.94 -5.50 -18.21
C SER B 46 4.35 -6.83 -18.84
N GLU B 47 3.79 -7.92 -18.30
CA GLU B 47 4.03 -9.25 -18.85
C GLU B 47 3.71 -9.27 -20.34
N LYS B 48 2.57 -8.68 -20.73
CA LYS B 48 2.16 -8.77 -22.13
C LYS B 48 3.12 -8.06 -23.07
N ASP B 49 3.79 -6.99 -22.61
CA ASP B 49 4.70 -6.23 -23.45
C ASP B 49 6.16 -6.65 -23.31
N ALA B 50 6.46 -7.61 -22.46
CA ALA B 50 7.84 -7.92 -22.13
C ALA B 50 8.59 -8.49 -23.34
N PRO B 51 9.81 -8.01 -23.63
CA PRO B 51 10.59 -8.60 -24.72
C PRO B 51 10.87 -10.07 -24.45
N LYS B 52 10.88 -10.86 -25.52
CA LYS B 52 11.01 -12.30 -25.34
C LYS B 52 12.33 -12.65 -24.69
N GLU B 53 13.41 -11.92 -24.99
CA GLU B 53 14.70 -12.19 -24.35
C GLU B 53 14.63 -12.01 -22.84
N LEU B 54 13.84 -11.03 -22.37
CA LEU B 54 13.63 -10.87 -20.94
C LEU B 54 12.84 -12.04 -20.36
N LEU B 55 11.77 -12.45 -21.05
CA LEU B 55 11.00 -13.61 -20.58
C LEU B 55 11.88 -14.85 -20.54
N GLN B 56 12.74 -15.04 -21.54
CA GLN B 56 13.64 -16.19 -21.55
C GLN B 56 14.53 -16.18 -20.32
N MET B 57 15.15 -15.04 -20.01
CA MET B 57 15.95 -14.93 -18.79
C MET B 57 15.12 -15.27 -17.56
N LEU B 58 13.90 -14.75 -17.49
CA LEU B 58 13.03 -15.03 -16.34
C LEU B 58 12.77 -16.53 -16.21
N GLU B 59 12.45 -17.20 -17.32
CA GLU B 59 11.97 -18.57 -17.25
C GLU B 59 13.08 -19.58 -17.05
N LYS B 60 14.31 -19.23 -17.42
CA LYS B 60 15.44 -20.14 -17.19
C LYS B 60 15.69 -20.32 -15.70
N GLN B 61 15.22 -19.37 -14.88
CA GLN B 61 15.44 -19.38 -13.44
C GLN B 61 16.85 -19.82 -13.11
#